data_3A27
#
_entry.id   3A27
#
_cell.length_a   40.584
_cell.length_b   67.827
_cell.length_c   113.150
_cell.angle_alpha   90.00
_cell.angle_beta   90.00
_cell.angle_gamma   90.00
#
_symmetry.space_group_name_H-M   'P 21 21 21'
#
loop_
_entity.id
_entity.type
_entity.pdbx_description
1 polymer 'Uncharacterized protein MJ1557'
2 non-polymer S-ADENOSYLMETHIONINE
3 water water
#
_entity_poly.entity_id   1
_entity_poly.type   'polypeptide(L)'
_entity_poly.pdbx_seq_one_letter_code
;MGSSHHHHHHSSGLEVLFQGPLHMGIKYQKIGDVVIVKKELSEDEIREIVKRTKCKAILLYTTQITGEFRTPHVKILYGK
ETETIHKEYGCLFKLDVAKIMWSQGNIEERKRMAFISNENEVVVDMFAGIGYFTIPLAKYSKPKLVYAIEKNPTAYHYLC
ENIKLNKLNNVIPILADNRDVELKDVADRVIMGYVHKTHKFLDKTFEFLKDRGVIHYHETVAEKIMYERPIERLKFYAEK
NGYKLIDYEVRKIKKYAPGVWHVVVDAKFERI
;
_entity_poly.pdbx_strand_id   A
#
loop_
_chem_comp.id
_chem_comp.type
_chem_comp.name
_chem_comp.formula
SAM non-polymer S-ADENOSYLMETHIONINE 'C15 H22 N6 O5 S'
#
# COMPACT_ATOMS: atom_id res chain seq x y z
N LYS A 27 -1.70 23.22 -10.63
CA LYS A 27 -0.53 22.87 -11.45
C LYS A 27 -0.90 21.80 -12.48
N TYR A 28 0.03 20.91 -12.79
CA TYR A 28 -0.27 19.82 -13.72
C TYR A 28 0.64 18.61 -13.57
N GLN A 29 0.02 17.47 -13.29
CA GLN A 29 0.74 16.23 -13.01
C GLN A 29 1.22 15.57 -14.30
N LYS A 30 2.53 15.42 -14.43
CA LYS A 30 3.09 14.72 -15.60
C LYS A 30 3.38 13.26 -15.26
N ILE A 31 2.46 12.38 -15.61
CA ILE A 31 2.62 10.95 -15.37
C ILE A 31 3.08 10.27 -16.65
N GLY A 32 4.23 9.61 -16.60
CA GLY A 32 4.81 9.03 -17.80
C GLY A 32 4.85 10.06 -18.91
N ASP A 33 4.31 9.68 -20.08
CA ASP A 33 4.23 10.61 -21.21
C ASP A 33 2.84 11.25 -21.27
N VAL A 34 2.17 11.30 -20.13
CA VAL A 34 0.82 11.83 -20.07
C VAL A 34 0.71 12.97 -19.06
N VAL A 35 0.14 14.08 -19.49
CA VAL A 35 -0.06 15.24 -18.62
C VAL A 35 -1.50 15.38 -18.18
N ILE A 36 -1.72 15.52 -16.88
CA ILE A 36 -3.06 15.69 -16.34
C ILE A 36 -3.31 17.15 -15.95
N VAL A 37 -4.21 17.80 -16.68
CA VAL A 37 -4.51 19.21 -16.43
C VAL A 37 -5.93 19.41 -15.89
N CYS A 55 6.49 18.89 -25.56
CA CYS A 55 5.28 18.32 -24.98
C CYS A 55 5.43 16.85 -24.64
N LYS A 56 4.30 16.14 -24.56
CA LYS A 56 4.28 14.74 -24.16
C LYS A 56 3.48 13.94 -25.18
N ALA A 57 3.06 12.74 -24.77
CA ALA A 57 2.24 11.89 -25.63
C ALA A 57 0.83 12.46 -25.77
N ILE A 58 0.15 12.61 -24.63
CA ILE A 58 -1.21 13.14 -24.60
C ILE A 58 -1.47 13.82 -23.26
N LEU A 59 -2.63 14.45 -23.10
CA LEU A 59 -3.01 15.02 -21.81
C LEU A 59 -4.50 14.88 -21.52
N LEU A 60 -4.84 14.73 -20.25
CA LEU A 60 -6.22 14.49 -19.83
C LEU A 60 -6.76 15.58 -18.91
N TYR A 61 -8.07 15.61 -18.75
CA TYR A 61 -8.73 16.51 -17.81
C TYR A 61 -9.59 15.72 -16.84
N THR A 62 -9.31 15.87 -15.54
CA THR A 62 -10.04 15.14 -14.51
C THR A 62 -11.24 15.93 -14.01
N HIS A 73 -14.14 10.06 -14.02
CA HIS A 73 -14.50 11.22 -14.82
C HIS A 73 -13.27 11.79 -15.52
N VAL A 74 -12.97 11.23 -16.70
CA VAL A 74 -11.78 11.65 -17.44
C VAL A 74 -12.11 12.03 -18.88
N LYS A 75 -11.67 13.22 -19.28
CA LYS A 75 -11.86 13.66 -20.66
C LYS A 75 -10.51 13.81 -21.36
N ILE A 76 -10.45 13.37 -22.62
CA ILE A 76 -9.22 13.49 -23.39
C ILE A 76 -9.18 14.83 -24.11
N LEU A 77 -8.03 15.49 -24.05
CA LEU A 77 -7.88 16.79 -24.69
C LEU A 77 -7.00 16.70 -25.93
N TYR A 78 -6.11 15.72 -25.96
CA TYR A 78 -5.26 15.48 -27.13
C TYR A 78 -4.81 14.02 -27.22
N GLY A 79 -5.27 13.31 -28.24
CA GLY A 79 -4.75 11.97 -28.46
C GLY A 79 -5.64 10.85 -27.91
N LYS A 80 -5.17 9.61 -28.06
CA LYS A 80 -6.03 8.49 -27.69
C LYS A 80 -5.51 7.56 -26.59
N GLU A 81 -4.21 7.62 -26.31
CA GLU A 81 -3.60 6.63 -25.43
C GLU A 81 -3.31 7.15 -24.02
N THR A 82 -3.97 6.55 -23.03
CA THR A 82 -3.89 6.98 -21.63
C THR A 82 -2.97 6.08 -20.81
N GLU A 83 -2.46 5.01 -21.43
CA GLU A 83 -1.57 4.10 -20.74
C GLU A 83 -0.13 4.62 -20.82
N THR A 84 0.61 4.56 -19.70
CA THR A 84 2.02 4.93 -19.73
C THR A 84 2.82 4.19 -18.68
N ILE A 85 4.14 4.35 -18.76
CA ILE A 85 5.04 3.83 -17.75
C ILE A 85 5.63 5.01 -16.97
N HIS A 86 5.39 5.02 -15.67
CA HIS A 86 5.89 6.09 -14.82
C HIS A 86 7.09 5.63 -14.02
N LYS A 87 8.10 6.50 -13.96
CA LYS A 87 9.36 6.19 -13.28
C LYS A 87 9.53 7.05 -12.04
N GLU A 88 9.64 6.41 -10.89
CA GLU A 88 9.79 7.13 -9.64
C GLU A 88 10.79 6.43 -8.73
N TYR A 89 11.88 7.14 -8.41
CA TYR A 89 12.88 6.63 -7.50
C TYR A 89 13.37 5.24 -7.90
N GLY A 90 13.75 5.10 -9.16
CA GLY A 90 14.31 3.85 -9.66
C GLY A 90 13.26 2.83 -10.07
N CYS A 91 12.01 3.09 -9.74
CA CYS A 91 10.95 2.12 -10.03
C CYS A 91 10.08 2.49 -11.22
N LEU A 92 9.67 1.48 -11.98
CA LEU A 92 8.80 1.69 -13.12
C LEU A 92 7.37 1.28 -12.78
N PHE A 93 6.41 2.15 -13.10
CA PHE A 93 5.00 1.86 -12.86
C PHE A 93 4.20 2.08 -14.13
N LYS A 94 3.81 0.98 -14.76
CA LYS A 94 2.89 1.06 -15.87
C LYS A 94 1.48 1.18 -15.30
N LEU A 95 0.67 2.03 -15.91
CA LEU A 95 -0.73 2.15 -15.53
C LEU A 95 -1.52 2.83 -16.63
N ASP A 96 -2.84 2.74 -16.56
CA ASP A 96 -3.71 3.52 -17.42
C ASP A 96 -4.20 4.69 -16.60
N VAL A 97 -3.70 5.88 -16.91
CA VAL A 97 -3.97 7.03 -16.06
C VAL A 97 -5.43 7.47 -16.13
N ALA A 98 -6.17 6.90 -17.08
CA ALA A 98 -7.60 7.18 -17.21
C ALA A 98 -8.45 6.32 -16.28
N LYS A 99 -7.87 5.22 -15.79
CA LYS A 99 -8.62 4.26 -14.99
C LYS A 99 -7.91 3.90 -13.69
N ILE A 100 -6.70 4.40 -13.53
CA ILE A 100 -5.93 4.19 -12.30
C ILE A 100 -5.38 5.53 -11.83
N MET A 101 -5.67 5.89 -10.59
CA MET A 101 -5.20 7.17 -10.07
C MET A 101 -3.81 7.04 -9.45
N TRP A 102 -2.96 8.04 -9.68
CA TRP A 102 -1.64 8.07 -9.07
C TRP A 102 -1.57 9.20 -8.07
N SER A 103 -1.41 8.87 -6.79
CA SER A 103 -1.50 9.85 -5.72
C SER A 103 -0.19 10.60 -5.46
N GLN A 104 -0.23 11.91 -5.62
CA GLN A 104 0.93 12.76 -5.36
C GLN A 104 1.26 12.78 -3.87
N GLY A 105 0.22 12.90 -3.05
CA GLY A 105 0.38 13.06 -1.62
C GLY A 105 0.85 11.86 -0.84
N ASN A 106 1.03 10.73 -1.53
CA ASN A 106 1.50 9.51 -0.88
C ASN A 106 2.98 9.21 -1.10
N ILE A 107 3.65 10.06 -1.90
CA ILE A 107 5.06 9.86 -2.27
C ILE A 107 6.00 9.64 -1.09
N GLU A 108 5.83 10.41 -0.03
CA GLU A 108 6.68 10.27 1.14
C GLU A 108 6.55 8.87 1.77
N GLU A 109 5.33 8.37 1.87
CA GLU A 109 5.14 7.03 2.41
C GLU A 109 5.73 5.93 1.51
N ARG A 110 5.64 6.11 0.19
CA ARG A 110 6.24 5.14 -0.73
C ARG A 110 7.77 5.09 -0.55
N LYS A 111 8.38 6.27 -0.42
CA LYS A 111 9.79 6.38 -0.07
C LYS A 111 10.12 5.73 1.28
N ARG A 112 9.22 5.87 2.25
CA ARG A 112 9.46 5.28 3.57
C ARG A 112 9.36 3.75 3.54
N MET A 113 8.44 3.22 2.73
CA MET A 113 8.24 1.78 2.64
C MET A 113 9.40 1.10 1.91
N ALA A 114 10.09 1.88 1.07
CA ALA A 114 11.17 1.33 0.27
C ALA A 114 12.17 0.54 1.13
N PHE A 115 12.60 1.14 2.23
CA PHE A 115 13.66 0.56 3.05
C PHE A 115 13.17 0.03 4.41
N ILE A 116 11.86 -0.14 4.55
CA ILE A 116 11.29 -0.49 5.85
C ILE A 116 11.52 -1.96 6.20
N SER A 117 11.88 -2.78 5.22
CA SER A 117 12.04 -4.21 5.44
C SER A 117 13.51 -4.62 5.36
N ASN A 118 13.77 -5.92 5.23
CA ASN A 118 15.12 -6.46 5.07
C ASN A 118 15.06 -7.88 4.49
N GLU A 119 16.22 -8.38 4.06
CA GLU A 119 16.28 -9.63 3.30
C GLU A 119 15.87 -10.87 4.08
N ASN A 120 15.62 -10.71 5.37
CA ASN A 120 15.19 -11.85 6.20
C ASN A 120 13.67 -11.93 6.31
N GLU A 121 12.97 -10.97 5.73
CA GLU A 121 11.52 -10.86 5.93
C GLU A 121 10.67 -11.39 4.80
N VAL A 122 9.50 -11.92 5.19
CA VAL A 122 8.42 -12.19 4.25
C VAL A 122 7.34 -11.14 4.56
N VAL A 123 6.90 -10.45 3.52
CA VAL A 123 6.02 -9.31 3.67
C VAL A 123 4.69 -9.57 2.95
N VAL A 124 3.57 -9.25 3.61
CA VAL A 124 2.28 -9.26 2.92
C VAL A 124 1.79 -7.83 2.72
N ASP A 125 1.50 -7.48 1.47
CA ASP A 125 0.89 -6.19 1.16
C ASP A 125 -0.60 -6.44 0.86
N MET A 126 -1.47 -6.03 1.76
CA MET A 126 -2.89 -6.40 1.66
C MET A 126 -3.71 -5.60 0.64
N PHE A 127 -3.23 -4.41 0.30
CA PHE A 127 -3.93 -3.57 -0.67
C PHE A 127 -2.95 -3.05 -1.73
N ALA A 128 -2.43 -3.96 -2.56
CA ALA A 128 -1.21 -3.64 -3.31
C ALA A 128 -1.37 -2.65 -4.45
N GLY A 129 -2.56 -2.59 -5.04
CA GLY A 129 -2.77 -1.75 -6.21
C GLY A 129 -1.85 -2.16 -7.35
N ILE A 130 -1.25 -1.18 -8.02
CA ILE A 130 -0.30 -1.46 -9.10
C ILE A 130 1.13 -1.63 -8.57
N GLY A 131 1.27 -1.54 -7.26
CA GLY A 131 2.53 -1.86 -6.62
C GLY A 131 3.23 -0.65 -6.01
N TYR A 132 2.44 0.33 -5.59
CA TYR A 132 2.96 1.57 -5.02
C TYR A 132 3.98 1.31 -3.91
N PHE A 133 3.69 0.34 -3.07
CA PHE A 133 4.53 0.04 -1.91
C PHE A 133 5.32 -1.22 -2.17
N THR A 134 4.67 -2.17 -2.82
CA THR A 134 5.25 -3.46 -3.08
C THR A 134 6.53 -3.36 -3.91
N ILE A 135 6.49 -2.53 -4.95
CA ILE A 135 7.61 -2.47 -5.91
C ILE A 135 8.88 -1.89 -5.28
N PRO A 136 8.79 -0.68 -4.70
CA PRO A 136 9.95 -0.11 -4.00
C PRO A 136 10.43 -1.00 -2.85
N LEU A 137 9.51 -1.52 -2.05
CA LEU A 137 9.92 -2.36 -0.94
C LEU A 137 10.67 -3.59 -1.45
N ALA A 138 10.11 -4.24 -2.46
CA ALA A 138 10.70 -5.45 -3.02
C ALA A 138 12.09 -5.18 -3.61
N LYS A 139 12.25 -3.98 -4.17
CA LYS A 139 13.50 -3.59 -4.80
C LYS A 139 14.59 -3.15 -3.82
N TYR A 140 14.22 -2.30 -2.85
CA TYR A 140 15.20 -1.69 -1.95
C TYR A 140 15.41 -2.42 -0.62
N SER A 141 14.39 -3.10 -0.13
CA SER A 141 14.50 -3.91 1.09
C SER A 141 14.90 -5.36 0.77
N LYS A 142 14.66 -5.77 -0.47
CA LYS A 142 14.93 -7.14 -0.92
C LYS A 142 14.54 -8.21 0.11
N PRO A 143 13.26 -8.22 0.50
CA PRO A 143 12.81 -9.28 1.42
C PRO A 143 12.84 -10.63 0.70
N LYS A 144 12.75 -11.72 1.45
CA LYS A 144 12.67 -13.04 0.84
C LYS A 144 11.50 -13.07 -0.14
N LEU A 145 10.34 -12.61 0.31
CA LEU A 145 9.14 -12.69 -0.49
C LEU A 145 8.10 -11.67 -0.08
N VAL A 146 7.44 -11.06 -1.05
CA VAL A 146 6.27 -10.26 -0.73
C VAL A 146 5.01 -10.74 -1.47
N TYR A 147 3.98 -11.06 -0.68
CA TYR A 147 2.69 -11.39 -1.24
C TYR A 147 1.96 -10.08 -1.46
N ALA A 148 1.61 -9.82 -2.72
CA ALA A 148 0.97 -8.57 -3.07
C ALA A 148 -0.46 -8.87 -3.47
N ILE A 149 -1.40 -8.59 -2.58
CA ILE A 149 -2.81 -8.88 -2.83
C ILE A 149 -3.51 -7.63 -3.36
N GLU A 150 -4.26 -7.80 -4.46
CA GLU A 150 -5.01 -6.71 -5.07
C GLU A 150 -6.33 -7.27 -5.62
N LYS A 151 -7.44 -6.64 -5.27
CA LYS A 151 -8.77 -7.19 -5.58
C LYS A 151 -9.29 -6.78 -6.96
N ASN A 152 -8.88 -5.62 -7.43
CA ASN A 152 -9.36 -5.08 -8.69
C ASN A 152 -8.54 -5.62 -9.87
N PRO A 153 -9.22 -6.28 -10.82
CA PRO A 153 -8.58 -6.97 -11.95
C PRO A 153 -7.75 -6.06 -12.84
N THR A 154 -8.20 -4.83 -13.05
CA THR A 154 -7.44 -3.87 -13.83
C THR A 154 -6.13 -3.44 -13.12
N ALA A 155 -6.23 -3.08 -11.84
CA ALA A 155 -5.03 -2.71 -11.08
C ALA A 155 -4.10 -3.91 -10.96
N TYR A 156 -4.69 -5.09 -10.78
CA TYR A 156 -3.94 -6.34 -10.75
C TYR A 156 -3.15 -6.56 -12.05
N HIS A 157 -3.76 -6.26 -13.19
CA HIS A 157 -3.08 -6.40 -14.45
C HIS A 157 -1.76 -5.63 -14.39
N TYR A 158 -1.84 -4.38 -13.97
CA TYR A 158 -0.64 -3.54 -13.89
C TYR A 158 0.35 -3.94 -12.79
N LEU A 159 -0.15 -4.41 -11.65
CA LEU A 159 0.73 -4.98 -10.64
C LEU A 159 1.58 -6.06 -11.28
N CYS A 160 0.94 -6.88 -12.09
CA CYS A 160 1.61 -7.98 -12.79
C CYS A 160 2.68 -7.48 -13.78
N GLU A 161 2.32 -6.56 -14.67
CA GLU A 161 3.30 -5.91 -15.57
C GLU A 161 4.46 -5.26 -14.81
N ASN A 162 4.16 -4.65 -13.67
CA ASN A 162 5.16 -3.88 -12.95
C ASN A 162 6.20 -4.75 -12.24
N ILE A 163 5.78 -5.89 -11.74
CA ILE A 163 6.73 -6.87 -11.20
C ILE A 163 7.70 -7.29 -12.30
N LYS A 164 7.16 -7.57 -13.48
CA LYS A 164 8.00 -7.95 -14.62
C LYS A 164 8.92 -6.81 -15.07
N LEU A 165 8.33 -5.62 -15.25
CA LEU A 165 9.09 -4.44 -15.66
C LEU A 165 10.27 -4.15 -14.73
N ASN A 166 10.05 -4.30 -13.43
CA ASN A 166 11.11 -4.06 -12.47
C ASN A 166 11.97 -5.31 -12.22
N LYS A 167 11.71 -6.36 -12.98
CA LYS A 167 12.54 -7.56 -12.93
C LYS A 167 12.65 -8.13 -11.52
N LEU A 168 11.54 -8.15 -10.79
CA LEU A 168 11.55 -8.66 -9.43
C LEU A 168 11.29 -10.15 -9.39
N ASN A 169 12.05 -10.86 -8.57
CA ASN A 169 11.90 -12.30 -8.45
C ASN A 169 11.40 -12.71 -7.07
N ASN A 170 11.13 -11.71 -6.23
CA ASN A 170 10.68 -11.96 -4.88
C ASN A 170 9.25 -11.48 -4.61
N VAL A 171 8.43 -11.41 -5.65
CA VAL A 171 7.06 -10.95 -5.51
C VAL A 171 6.06 -11.92 -6.14
N ILE A 172 5.04 -12.27 -5.37
CA ILE A 172 3.96 -13.13 -5.81
C ILE A 172 2.65 -12.35 -5.72
N PRO A 173 2.10 -11.94 -6.87
CA PRO A 173 0.85 -11.19 -6.92
C PRO A 173 -0.32 -12.14 -6.72
N ILE A 174 -1.33 -11.71 -5.97
CA ILE A 174 -2.53 -12.50 -5.80
C ILE A 174 -3.77 -11.66 -6.12
N LEU A 175 -4.57 -12.11 -7.07
CA LEU A 175 -5.78 -11.39 -7.45
C LEU A 175 -6.97 -11.86 -6.61
N ALA A 176 -7.33 -11.05 -5.61
CA ALA A 176 -8.33 -11.48 -4.65
C ALA A 176 -8.68 -10.39 -3.66
N ASP A 177 -9.83 -10.54 -3.02
CA ASP A 177 -10.10 -9.81 -1.80
C ASP A 177 -9.20 -10.42 -0.74
N ASN A 178 -8.40 -9.59 -0.06
CA ASN A 178 -7.45 -10.12 0.91
C ASN A 178 -8.15 -10.98 1.98
N ARG A 179 -9.43 -10.73 2.22
CA ARG A 179 -10.15 -11.49 3.23
C ARG A 179 -10.35 -12.93 2.79
N ASP A 180 -10.14 -13.20 1.51
CA ASP A 180 -10.35 -14.55 0.98
C ASP A 180 -9.04 -15.31 0.86
N VAL A 181 -7.93 -14.59 1.00
CA VAL A 181 -6.62 -15.21 0.87
C VAL A 181 -6.30 -15.99 2.14
N GLU A 182 -5.69 -17.15 1.97
CA GLU A 182 -5.35 -17.99 3.11
C GLU A 182 -3.84 -18.20 3.25
N LEU A 183 -3.19 -17.31 4.00
CA LEU A 183 -1.75 -17.38 4.22
C LEU A 183 -1.43 -17.32 5.72
N LYS A 184 -1.57 -18.46 6.40
CA LYS A 184 -1.42 -18.53 7.85
C LYS A 184 0.02 -18.40 8.37
N ASP A 185 0.22 -17.44 9.27
CA ASP A 185 1.47 -17.31 10.02
C ASP A 185 2.73 -17.26 9.13
N VAL A 186 2.68 -16.47 8.08
CA VAL A 186 3.81 -16.38 7.15
C VAL A 186 4.49 -15.02 7.13
N ALA A 187 3.82 -14.00 7.67
CA ALA A 187 4.28 -12.62 7.51
C ALA A 187 5.08 -12.09 8.71
N ASP A 188 6.27 -11.56 8.44
CA ASP A 188 7.02 -10.79 9.41
C ASP A 188 6.46 -9.37 9.47
N ARG A 189 5.86 -8.94 8.37
CA ARG A 189 5.40 -7.57 8.23
C ARG A 189 4.18 -7.52 7.31
N VAL A 190 3.15 -6.78 7.72
CA VAL A 190 1.96 -6.61 6.88
C VAL A 190 1.68 -5.12 6.67
N ILE A 191 1.43 -4.74 5.43
CA ILE A 191 1.11 -3.36 5.12
C ILE A 191 -0.37 -3.22 4.76
N MET A 192 -1.03 -2.25 5.40
CA MET A 192 -2.46 -2.02 5.19
C MET A 192 -2.72 -0.62 4.67
N GLY A 193 -2.22 -0.31 3.46
CA GLY A 193 -2.41 1.00 2.87
C GLY A 193 -3.81 1.23 2.31
N TYR A 194 -4.78 1.42 3.19
CA TYR A 194 -6.19 1.58 2.82
C TYR A 194 -6.84 2.38 3.93
N VAL A 195 -7.78 3.25 3.59
CA VAL A 195 -8.39 4.10 4.62
C VAL A 195 -9.91 3.94 4.79
N HIS A 196 -10.46 2.85 4.26
CA HIS A 196 -11.90 2.60 4.40
C HIS A 196 -12.21 1.44 5.34
N LYS A 197 -12.61 1.77 6.56
CA LYS A 197 -12.83 0.78 7.61
C LYS A 197 -11.74 -0.29 7.64
N THR A 198 -10.50 0.17 7.63
CA THR A 198 -9.32 -0.69 7.65
C THR A 198 -9.33 -1.66 8.83
N HIS A 199 -9.82 -1.20 9.98
CA HIS A 199 -9.86 -2.05 11.17
C HIS A 199 -10.61 -3.37 10.91
N LYS A 200 -11.58 -3.33 10.00
CA LYS A 200 -12.38 -4.52 9.70
C LYS A 200 -11.56 -5.63 9.07
N PHE A 201 -10.34 -5.28 8.67
CA PHE A 201 -9.45 -6.22 7.99
C PHE A 201 -8.38 -6.79 8.93
N LEU A 202 -8.35 -6.30 10.17
CA LEU A 202 -7.29 -6.70 11.12
C LEU A 202 -7.36 -8.18 11.51
N ASP A 203 -8.56 -8.74 11.53
CA ASP A 203 -8.70 -10.17 11.82
C ASP A 203 -7.83 -10.96 10.83
N LYS A 204 -7.89 -10.56 9.56
CA LYS A 204 -7.09 -11.22 8.54
C LYS A 204 -5.60 -10.91 8.71
N THR A 205 -5.26 -9.65 8.93
CA THR A 205 -3.84 -9.35 9.06
C THR A 205 -3.19 -10.10 10.21
N PHE A 206 -3.93 -10.33 11.30
CA PHE A 206 -3.40 -11.13 12.39
C PHE A 206 -3.24 -12.62 12.02
N GLU A 207 -4.06 -13.11 11.09
CA GLU A 207 -3.87 -14.46 10.57
C GLU A 207 -2.53 -14.53 9.81
N PHE A 208 -2.31 -13.55 8.94
CA PHE A 208 -1.09 -13.50 8.12
C PHE A 208 0.18 -13.49 8.98
N LEU A 209 0.12 -12.74 10.07
CA LEU A 209 1.26 -12.46 10.92
C LEU A 209 1.90 -13.71 11.52
N LYS A 210 3.22 -13.68 11.69
CA LYS A 210 3.92 -14.76 12.38
C LYS A 210 3.71 -14.61 13.89
N ASP A 211 4.39 -15.44 14.67
CA ASP A 211 4.31 -15.35 16.13
C ASP A 211 4.66 -13.93 16.58
N ARG A 212 5.52 -13.29 15.79
CA ARG A 212 6.00 -11.95 16.09
C ARG A 212 6.07 -11.21 14.76
N GLY A 213 5.68 -9.94 14.75
CA GLY A 213 5.76 -9.16 13.53
C GLY A 213 5.21 -7.75 13.67
N VAL A 214 5.32 -6.95 12.62
CA VAL A 214 4.80 -5.59 12.66
C VAL A 214 3.74 -5.31 11.58
N ILE A 215 2.75 -4.51 11.94
CA ILE A 215 1.68 -4.13 11.03
C ILE A 215 1.80 -2.63 10.76
N HIS A 216 1.67 -2.26 9.50
CA HIS A 216 1.59 -0.84 9.13
C HIS A 216 0.13 -0.53 8.84
N TYR A 217 -0.52 0.07 9.83
CA TYR A 217 -1.97 0.25 9.82
C TYR A 217 -2.36 1.69 9.48
N HIS A 218 -3.12 1.86 8.40
CA HIS A 218 -3.58 3.18 8.01
C HIS A 218 -5.01 3.44 8.45
N GLU A 219 -5.30 4.68 8.79
CA GLU A 219 -6.64 5.09 9.16
C GLU A 219 -6.75 6.58 8.93
N THR A 220 -7.95 7.05 8.64
CA THR A 220 -8.25 8.48 8.66
C THR A 220 -8.98 8.76 9.96
N VAL A 221 -8.57 9.81 10.67
CA VAL A 221 -9.02 10.01 12.04
C VAL A 221 -9.02 11.49 12.43
N ALA A 222 -10.02 11.89 13.20
CA ALA A 222 -10.08 13.25 13.70
C ALA A 222 -8.84 13.57 14.52
N GLU A 223 -8.35 14.79 14.40
CA GLU A 223 -7.09 15.20 15.02
C GLU A 223 -7.10 14.95 16.54
N LYS A 224 -8.24 15.18 17.16
CA LYS A 224 -8.35 15.09 18.62
C LYS A 224 -7.98 13.71 19.19
N ILE A 225 -8.30 12.65 18.43
CA ILE A 225 -8.09 11.28 18.91
C ILE A 225 -7.12 10.51 18.04
N MET A 226 -6.36 11.22 17.21
CA MET A 226 -5.48 10.56 16.23
C MET A 226 -4.42 9.67 16.89
N TYR A 227 -4.03 9.98 18.13
CA TYR A 227 -3.02 9.20 18.83
C TYR A 227 -3.68 8.19 19.75
N GLU A 228 -5.00 8.10 19.68
CA GLU A 228 -5.76 7.27 20.59
C GLU A 228 -6.57 6.17 19.90
N ARG A 229 -7.51 6.55 19.05
CA ARG A 229 -8.42 5.59 18.42
C ARG A 229 -7.73 4.48 17.61
N PRO A 230 -6.77 4.82 16.74
CA PRO A 230 -6.10 3.77 15.99
C PRO A 230 -5.49 2.71 16.90
N ILE A 231 -5.03 3.14 18.06
CA ILE A 231 -4.33 2.28 18.99
C ILE A 231 -5.30 1.35 19.74
N GLU A 232 -6.40 1.91 20.23
CA GLU A 232 -7.40 1.07 20.86
C GLU A 232 -8.00 0.05 19.89
N ARG A 233 -8.13 0.42 18.63
CA ARG A 233 -8.61 -0.53 17.62
C ARG A 233 -7.63 -1.69 17.45
N LEU A 234 -6.34 -1.35 17.30
CA LEU A 234 -5.31 -2.38 17.21
C LEU A 234 -5.31 -3.32 18.41
N LYS A 235 -5.51 -2.78 19.62
CA LYS A 235 -5.46 -3.59 20.82
C LYS A 235 -6.69 -4.50 20.92
N PHE A 236 -7.83 -3.98 20.48
CA PHE A 236 -9.06 -4.77 20.46
C PHE A 236 -8.87 -6.00 19.58
N TYR A 237 -8.42 -5.78 18.35
CA TYR A 237 -8.27 -6.87 17.39
C TYR A 237 -7.09 -7.79 17.70
N ALA A 238 -6.03 -7.21 18.27
CA ALA A 238 -4.91 -8.02 18.76
C ALA A 238 -5.45 -9.08 19.73
N GLU A 239 -6.11 -8.63 20.79
CA GLU A 239 -6.65 -9.53 21.81
C GLU A 239 -7.60 -10.52 21.19
N LYS A 240 -8.48 -10.03 20.33
CA LYS A 240 -9.42 -10.86 19.60
C LYS A 240 -8.68 -12.03 18.94
N ASN A 241 -7.48 -11.77 18.43
CA ASN A 241 -6.75 -12.76 17.67
C ASN A 241 -5.56 -13.42 18.38
N GLY A 242 -5.44 -13.16 19.67
CA GLY A 242 -4.43 -13.82 20.48
C GLY A 242 -3.07 -13.16 20.47
N TYR A 243 -3.02 -11.89 20.05
CA TYR A 243 -1.78 -11.14 20.03
C TYR A 243 -1.84 -9.99 21.03
N LYS A 244 -0.68 -9.48 21.42
CA LYS A 244 -0.63 -8.27 22.22
C LYS A 244 0.31 -7.22 21.62
N LEU A 245 -0.02 -5.95 21.87
CA LEU A 245 0.77 -4.83 21.36
C LEU A 245 2.07 -4.70 22.16
N ILE A 246 3.20 -4.58 21.47
CA ILE A 246 4.47 -4.44 22.18
C ILE A 246 4.87 -2.98 22.21
N ASP A 247 5.00 -2.39 21.03
CA ASP A 247 5.26 -0.96 20.94
C ASP A 247 4.71 -0.43 19.63
N TYR A 248 4.61 0.88 19.51
CA TYR A 248 4.06 1.46 18.31
C TYR A 248 4.49 2.90 18.12
N GLU A 249 4.37 3.37 16.88
CA GLU A 249 4.60 4.77 16.56
C GLU A 249 3.54 5.22 15.59
N VAL A 250 3.06 6.45 15.78
CA VAL A 250 2.05 7.04 14.92
C VAL A 250 2.66 8.17 14.09
N ARG A 251 2.51 8.09 12.78
CA ARG A 251 3.01 9.11 11.86
C ARG A 251 1.89 9.71 11.02
N LYS A 252 1.95 11.02 10.79
CA LYS A 252 0.99 11.67 9.89
C LYS A 252 1.45 11.46 8.46
N ILE A 253 0.49 11.34 7.54
CA ILE A 253 0.83 11.18 6.13
C ILE A 253 0.32 12.38 5.33
N LYS A 254 -0.93 12.77 5.55
CA LYS A 254 -1.46 13.95 4.91
C LYS A 254 -2.81 14.33 5.49
N LYS A 255 -3.12 15.62 5.48
CA LYS A 255 -4.44 16.09 5.86
C LYS A 255 -5.45 15.50 4.87
N TYR A 256 -6.39 14.72 5.39
CA TYR A 256 -7.35 13.98 4.55
C TYR A 256 -8.62 14.80 4.33
N ALA A 257 -8.88 15.70 5.27
CA ALA A 257 -10.06 16.56 5.22
C ALA A 257 -9.94 17.56 6.38
N PRO A 258 -10.72 18.64 6.34
CA PRO A 258 -10.69 19.60 7.44
C PRO A 258 -10.78 18.91 8.80
N GLY A 259 -9.70 18.97 9.56
CA GLY A 259 -9.67 18.42 10.91
C GLY A 259 -9.34 16.94 11.01
N VAL A 260 -9.18 16.29 9.86
CA VAL A 260 -8.99 14.84 9.82
C VAL A 260 -7.67 14.45 9.16
N TRP A 261 -6.88 13.62 9.85
CA TRP A 261 -5.59 13.19 9.35
C TRP A 261 -5.59 11.74 8.87
N HIS A 262 -4.93 11.50 7.74
CA HIS A 262 -4.54 10.16 7.33
C HIS A 262 -3.27 9.82 8.09
N VAL A 263 -3.32 8.79 8.92
CA VAL A 263 -2.16 8.41 9.72
C VAL A 263 -1.76 6.97 9.42
N VAL A 264 -0.52 6.65 9.74
CA VAL A 264 -0.05 5.28 9.67
C VAL A 264 0.56 4.92 11.01
N VAL A 265 0.12 3.81 11.57
CA VAL A 265 0.75 3.35 12.78
C VAL A 265 1.60 2.11 12.54
N ASP A 266 2.85 2.20 12.97
CA ASP A 266 3.78 1.09 12.92
C ASP A 266 3.69 0.39 14.26
N ALA A 267 3.13 -0.82 14.27
CA ALA A 267 2.89 -1.52 15.52
C ALA A 267 3.52 -2.91 15.52
N LYS A 268 4.20 -3.25 16.61
CA LYS A 268 4.80 -4.56 16.75
C LYS A 268 3.99 -5.43 17.71
N PHE A 269 3.76 -6.68 17.33
CA PHE A 269 2.94 -7.60 18.09
C PHE A 269 3.67 -8.92 18.31
N GLU A 270 3.32 -9.62 19.38
CA GLU A 270 3.65 -11.03 19.51
C GLU A 270 2.47 -11.74 20.16
N ARG A 271 2.21 -12.98 19.74
CA ARG A 271 1.01 -13.66 20.20
C ARG A 271 1.13 -14.08 21.65
N ILE A 272 -0.02 -14.34 22.27
CA ILE A 272 -0.19 -14.53 23.72
C ILE A 272 -0.20 -13.19 24.45
N SAM B . -3.52 5.99 -3.27
CA SAM B . -2.41 5.30 -2.62
C SAM B . -1.10 5.49 -3.37
O SAM B . -1.07 6.06 -4.46
OXT SAM B . -0.03 5.08 -2.91
CB SAM B . -2.74 3.82 -2.37
CG SAM B . -4.07 3.31 -2.94
SD SAM B . -4.05 1.51 -3.16
CE SAM B . -4.13 1.39 -4.96
C5' SAM B . -5.69 0.87 -2.68
C4' SAM B . -6.00 -0.42 -3.45
O4' SAM B . -6.52 -1.45 -2.64
C3' SAM B . -7.01 -0.25 -4.59
O3' SAM B . -6.35 -0.58 -5.79
C2' SAM B . -8.10 -1.26 -4.34
O2' SAM B . -8.49 -1.89 -5.54
C1' SAM B . -7.43 -2.24 -3.40
N9 SAM B . -8.37 -2.94 -2.49
C8 SAM B . -9.50 -2.42 -1.92
N7 SAM B . -10.07 -3.37 -1.15
C5 SAM B . -9.31 -4.50 -1.21
C6 SAM B . -9.44 -5.74 -0.61
N6 SAM B . -10.47 -5.99 0.18
N1 SAM B . -8.49 -6.71 -0.86
C2 SAM B . -7.41 -6.44 -1.71
N3 SAM B . -7.30 -5.20 -2.30
C4 SAM B . -8.23 -4.24 -2.05
#